data_6OOW
#
_entry.id   6OOW
#
_cell.length_a   41.030
_cell.length_b   51.410
_cell.length_c   79.140
_cell.angle_alpha   90.000
_cell.angle_beta   92.050
_cell.angle_gamma   90.000
#
_symmetry.space_group_name_H-M   'P 1 21 1'
#
loop_
_entity.id
_entity.type
_entity.pdbx_description
1 polymer 'Cytochrome P450'
2 non-polymer 'CHLORIDE ION'
3 non-polymer 'PROTOPORPHYRIN IX CONTAINING FE'
4 non-polymer '4-ethylbenzoic acid'
5 water water
#
_entity_poly.entity_id   1
_entity_poly.type   'polypeptide(L)'
_entity_poly.pdbx_seq_one_letter_code
;TIPHLAIDPFSLDFFDDPYPDQQTLRDAGPVVYLDKWNVYGVARYAEVHAVLNDPTTFCSSRGVGLSDFKKEKPWRPPSL
ILEADPPAHTRPRAVLSKVLSPATMKTIRDGFAAAADAKVDELLQRGCIDAIADLAEAYPLSVFPDAMGLKQEGREHLLP
YAGLVFNAFGPPNELRQTAIERSAPHQAYVNEQCQRPNLAPGGFGACIHAFTDTGEITPDEAPLLVRSLLSAGLDATVNG
IGAAVYCLARFPGELQRLRSDPTLARNAFEEAVRFESPVQTFFRTTTREVELGGAVIGEGEKVLMFLGSANRDPRRWSDP
DLYDITRKTSGHVGFGSGVHMCVGQLVARLEGEVMLSALARKVAAIDIDGPVKRRFNNTLRGLESLPVKLTPA
;
_entity_poly.pdbx_strand_id   A
#
loop_
_chem_comp.id
_chem_comp.type
_chem_comp.name
_chem_comp.formula
CL non-polymer 'CHLORIDE ION' 'Cl -1'
EGM non-polymer '4-ethylbenzoic acid' 'C9 H10 O2'
HEM non-polymer 'PROTOPORPHYRIN IX CONTAINING FE' 'C34 H32 Fe N4 O4'
#
# COMPACT_ATOMS: atom_id res chain seq x y z
N THR A 1 15.24 0.10 -29.17
CA THR A 1 15.90 -1.12 -28.72
C THR A 1 15.87 -1.20 -27.19
N ILE A 2 15.62 -2.39 -26.65
CA ILE A 2 15.28 -2.56 -25.24
C ILE A 2 16.47 -3.19 -24.52
N PRO A 3 17.00 -2.57 -23.47
CA PRO A 3 18.08 -3.20 -22.71
C PRO A 3 17.61 -4.32 -21.81
N HIS A 4 18.46 -5.34 -21.69
CA HIS A 4 18.24 -6.47 -20.81
C HIS A 4 19.09 -6.31 -19.56
N LEU A 5 18.45 -6.42 -18.40
CA LEU A 5 19.09 -6.28 -17.11
C LEU A 5 18.90 -7.54 -16.30
N ALA A 6 19.91 -7.86 -15.50
CA ALA A 6 19.88 -9.02 -14.61
C ALA A 6 19.45 -8.67 -13.20
N ILE A 7 19.14 -7.39 -12.95
CA ILE A 7 18.66 -6.99 -11.63
C ILE A 7 17.43 -7.80 -11.25
N ASP A 8 17.44 -8.35 -10.04
CA ASP A 8 16.27 -9.00 -9.47
C ASP A 8 15.60 -8.02 -8.52
N PRO A 9 14.50 -7.38 -8.91
CA PRO A 9 13.85 -6.41 -8.01
C PRO A 9 13.07 -7.06 -6.89
N PHE A 10 13.12 -8.39 -6.77
CA PHE A 10 12.49 -9.10 -5.67
C PHE A 10 13.51 -9.83 -4.81
N SER A 11 14.79 -9.49 -4.96
CA SER A 11 15.85 -10.08 -4.14
C SER A 11 16.04 -9.29 -2.86
N LEU A 12 16.51 -9.98 -1.82
CA LEU A 12 16.71 -9.33 -0.54
C LEU A 12 17.75 -8.21 -0.64
N ASP A 13 18.79 -8.40 -1.46
CA ASP A 13 19.78 -7.33 -1.61
C ASP A 13 19.14 -6.08 -2.22
N PHE A 14 18.22 -6.27 -3.15
CA PHE A 14 17.50 -5.14 -3.72
C PHE A 14 16.63 -4.46 -2.67
N PHE A 15 15.83 -5.24 -1.95
CA PHE A 15 14.98 -4.68 -0.89
C PHE A 15 15.80 -3.88 0.12
N ASP A 16 17.00 -4.37 0.43
CA ASP A 16 17.78 -3.74 1.49
C ASP A 16 18.22 -2.33 1.10
N ASP A 17 18.49 -2.09 -0.17
CA ASP A 17 18.80 -0.76 -0.66
C ASP A 17 18.47 -0.67 -2.14
N PRO A 18 17.23 -0.33 -2.49
CA PRO A 18 16.81 -0.38 -3.90
C PRO A 18 17.19 0.82 -4.73
N TYR A 19 17.70 1.88 -4.13
CA TYR A 19 17.75 3.15 -4.83
C TYR A 19 18.82 3.19 -5.93
N PRO A 20 20.03 2.68 -5.70
CA PRO A 20 20.97 2.58 -6.83
C PRO A 20 20.40 1.76 -7.98
N ASP A 21 19.86 0.58 -7.69
CA ASP A 21 19.30 -0.25 -8.76
C ASP A 21 18.12 0.42 -9.44
N GLN A 22 17.31 1.19 -8.70
CA GLN A 22 16.18 1.86 -9.32
C GLN A 22 16.66 2.95 -10.29
N GLN A 23 17.78 3.61 -9.98
CA GLN A 23 18.34 4.57 -10.93
C GLN A 23 18.88 3.85 -12.15
N THR A 24 19.54 2.71 -11.95
CA THR A 24 19.98 1.91 -13.08
C THR A 24 18.79 1.53 -13.97
N LEU A 25 17.67 1.14 -13.35
CA LEU A 25 16.48 0.79 -14.12
C LEU A 25 15.93 1.99 -14.90
N ARG A 26 15.93 3.18 -14.28
CA ARG A 26 15.45 4.38 -14.95
C ARG A 26 16.38 4.79 -16.08
N ASP A 27 17.68 4.79 -15.82
CA ASP A 27 18.64 5.35 -16.77
C ASP A 27 19.01 4.38 -17.89
N ALA A 28 18.66 3.10 -17.76
CA ALA A 28 18.94 2.17 -18.85
C ALA A 28 18.04 2.44 -20.05
N GLY A 29 16.86 2.99 -19.81
CA GLY A 29 15.93 3.30 -20.87
C GLY A 29 14.51 3.42 -20.31
N PRO A 30 13.59 3.95 -21.12
CA PRO A 30 12.19 4.06 -20.65
C PRO A 30 11.55 2.71 -20.43
N VAL A 31 12.01 1.68 -21.13
CA VAL A 31 11.50 0.32 -20.96
C VAL A 31 12.68 -0.63 -20.93
N VAL A 32 12.67 -1.55 -19.97
CA VAL A 32 13.73 -2.54 -19.81
C VAL A 32 13.10 -3.92 -19.85
N TYR A 33 13.93 -4.91 -20.11
CA TYR A 33 13.55 -6.29 -19.97
C TYR A 33 14.34 -6.91 -18.82
N LEU A 34 13.65 -7.52 -17.87
CA LEU A 34 14.28 -8.13 -16.71
C LEU A 34 14.41 -9.63 -16.98
N ASP A 35 15.64 -10.05 -17.32
CA ASP A 35 15.89 -11.44 -17.71
C ASP A 35 15.64 -12.41 -16.56
N LYS A 36 15.74 -11.95 -15.31
CA LYS A 36 15.53 -12.86 -14.19
C LYS A 36 14.13 -13.46 -14.20
N TRP A 37 13.14 -12.68 -14.63
CA TRP A 37 11.74 -13.09 -14.54
C TRP A 37 10.99 -13.02 -15.87
N ASN A 38 11.65 -12.63 -16.96
CA ASN A 38 11.03 -12.57 -18.27
C ASN A 38 9.84 -11.62 -18.26
N VAL A 39 10.05 -10.40 -17.76
CA VAL A 39 9.02 -9.36 -17.74
C VAL A 39 9.65 -8.06 -18.21
N TYR A 40 8.81 -7.20 -18.76
CA TYR A 40 9.21 -5.83 -19.03
C TYR A 40 9.10 -5.00 -17.76
N GLY A 41 9.90 -3.96 -17.68
CA GLY A 41 9.84 -3.02 -16.55
C GLY A 41 9.86 -1.59 -17.02
N VAL A 42 9.12 -0.75 -16.30
CA VAL A 42 9.15 0.69 -16.48
C VAL A 42 9.37 1.33 -15.11
N ALA A 43 10.39 2.19 -15.01
CA ALA A 43 10.78 2.77 -13.73
C ALA A 43 10.77 4.30 -13.71
N ARG A 44 10.61 4.96 -14.86
CA ARG A 44 10.51 6.40 -14.89
C ARG A 44 9.06 6.83 -14.67
N TYR A 45 8.89 8.03 -14.14
CA TYR A 45 7.56 8.50 -13.80
C TYR A 45 6.63 8.50 -15.01
N ALA A 46 7.11 9.03 -16.14
CA ALA A 46 6.21 9.23 -17.28
C ALA A 46 5.62 7.91 -17.76
N GLU A 47 6.46 6.88 -17.91
CA GLU A 47 5.96 5.60 -18.43
C GLU A 47 5.09 4.89 -17.39
N VAL A 48 5.48 4.93 -16.12
CA VAL A 48 4.65 4.33 -15.07
C VAL A 48 3.27 4.97 -15.05
N HIS A 49 3.24 6.30 -15.09
CA HIS A 49 1.96 7.00 -15.11
C HIS A 49 1.16 6.64 -16.36
N ALA A 50 1.83 6.53 -17.50
CA ALA A 50 1.13 6.22 -18.74
C ALA A 50 0.53 4.82 -18.69
N VAL A 51 1.31 3.84 -18.22
CA VAL A 51 0.80 2.48 -18.13
C VAL A 51 -0.41 2.42 -17.20
N LEU A 52 -0.32 3.07 -16.04
CA LEU A 52 -1.43 3.05 -15.10
C LEU A 52 -2.71 3.60 -15.71
N ASN A 53 -2.60 4.58 -16.61
CA ASN A 53 -3.75 5.26 -17.17
C ASN A 53 -4.13 4.73 -18.54
N ASP A 54 -3.67 3.54 -18.88
CA ASP A 54 -3.97 2.90 -20.16
C ASP A 54 -4.49 1.50 -19.89
N PRO A 55 -5.64 1.39 -19.20
CA PRO A 55 -6.09 0.08 -18.71
C PRO A 55 -6.57 -0.86 -19.81
N THR A 56 -6.94 -0.36 -20.98
CA THR A 56 -7.42 -1.25 -22.03
C THR A 56 -6.29 -2.01 -22.70
N THR A 57 -5.07 -1.50 -22.65
CA THR A 57 -3.90 -2.22 -23.15
C THR A 57 -3.14 -2.91 -22.03
N PHE A 58 -2.96 -2.23 -20.90
CA PHE A 58 -2.24 -2.79 -19.75
C PHE A 58 -3.31 -3.15 -18.72
N CYS A 59 -3.80 -4.39 -18.81
CA CYS A 59 -4.97 -4.80 -18.05
C CYS A 59 -4.57 -5.37 -16.69
N SER A 60 -5.58 -5.49 -15.83
CA SER A 60 -5.44 -6.04 -14.49
C SER A 60 -6.13 -7.38 -14.31
N SER A 61 -7.00 -7.79 -15.24
CA SER A 61 -7.78 -9.01 -15.07
C SER A 61 -6.97 -10.28 -15.25
N ARG A 62 -5.76 -10.19 -15.79
CA ARG A 62 -4.85 -11.32 -15.82
C ARG A 62 -3.86 -11.30 -14.66
N GLY A 63 -4.18 -10.54 -13.62
CA GLY A 63 -3.36 -10.50 -12.42
C GLY A 63 -2.46 -9.29 -12.40
N VAL A 64 -2.26 -8.71 -11.22
CA VAL A 64 -1.34 -7.60 -11.03
C VAL A 64 -0.06 -8.05 -10.32
N GLY A 65 0.10 -9.36 -10.12
CA GLY A 65 1.38 -9.93 -9.77
C GLY A 65 2.05 -10.53 -11.00
N LEU A 66 3.14 -11.26 -10.75
CA LEU A 66 3.86 -11.87 -11.87
C LEU A 66 3.00 -12.89 -12.59
N SER A 67 2.21 -13.66 -11.86
CA SER A 67 1.46 -14.75 -12.46
C SER A 67 0.39 -14.23 -13.40
N ASP A 68 0.26 -14.88 -14.55
CA ASP A 68 -0.74 -14.56 -15.56
C ASP A 68 -1.91 -15.53 -15.37
N PHE A 69 -3.08 -14.98 -15.00
CA PHE A 69 -4.23 -15.83 -14.73
C PHE A 69 -4.70 -16.60 -15.95
N LYS A 70 -4.32 -16.19 -17.15
CA LYS A 70 -4.60 -16.95 -18.36
C LYS A 70 -3.71 -18.18 -18.49
N LYS A 71 -2.64 -18.24 -17.72
CA LYS A 71 -1.68 -19.34 -17.80
C LYS A 71 -1.63 -20.19 -16.53
N GLU A 72 -1.83 -19.59 -15.36
CA GLU A 72 -1.76 -20.28 -14.09
C GLU A 72 -3.04 -20.02 -13.30
N LYS A 73 -3.35 -20.94 -12.40
CA LYS A 73 -4.51 -20.74 -11.52
C LYS A 73 -4.16 -19.72 -10.44
N PRO A 74 -5.03 -18.76 -10.15
CA PRO A 74 -4.75 -17.82 -9.06
C PRO A 74 -4.69 -18.55 -7.72
N TRP A 75 -3.81 -18.09 -6.83
CA TRP A 75 -3.67 -18.74 -5.54
C TRP A 75 -4.93 -18.58 -4.68
N ARG A 76 -5.76 -17.60 -4.98
CA ARG A 76 -7.07 -17.40 -4.37
C ARG A 76 -8.00 -16.89 -5.45
N PRO A 77 -9.31 -17.00 -5.25
CA PRO A 77 -10.25 -16.42 -6.22
C PRO A 77 -9.87 -14.98 -6.53
N PRO A 78 -9.91 -14.58 -7.81
CA PRO A 78 -9.48 -13.22 -8.16
C PRO A 78 -10.26 -12.14 -7.43
N SER A 79 -9.56 -11.07 -7.08
CA SER A 79 -10.22 -9.90 -6.53
C SER A 79 -11.18 -9.31 -7.56
N LEU A 80 -12.40 -9.02 -7.12
CA LEU A 80 -13.40 -8.41 -8.00
C LEU A 80 -13.10 -6.96 -8.33
N ILE A 81 -12.13 -6.34 -7.67
CA ILE A 81 -11.81 -4.94 -7.96
C ILE A 81 -10.36 -4.85 -8.45
N LEU A 82 -9.39 -5.30 -7.65
CA LEU A 82 -7.99 -5.12 -8.03
C LEU A 82 -7.63 -5.91 -9.28
N GLU A 83 -8.25 -7.07 -9.48
CA GLU A 83 -7.91 -7.98 -10.56
C GLU A 83 -9.05 -8.07 -11.57
N ALA A 84 -9.71 -6.94 -11.80
CA ALA A 84 -10.78 -6.85 -12.78
C ALA A 84 -10.57 -5.60 -13.63
N ASP A 85 -11.05 -5.65 -14.85
CA ASP A 85 -11.02 -4.50 -15.73
C ASP A 85 -12.42 -3.93 -15.87
N PRO A 86 -12.56 -2.67 -16.28
CA PRO A 86 -13.86 -2.17 -16.68
C PRO A 86 -14.38 -2.95 -17.87
N PRO A 87 -15.67 -3.25 -17.94
CA PRO A 87 -16.76 -2.79 -17.05
C PRO A 87 -16.97 -3.61 -15.78
N ALA A 88 -16.48 -4.85 -15.70
CA ALA A 88 -16.71 -5.65 -14.50
C ALA A 88 -16.22 -4.94 -13.25
N HIS A 89 -15.18 -4.12 -13.38
CA HIS A 89 -14.57 -3.42 -12.25
C HIS A 89 -15.50 -2.35 -11.68
N THR A 90 -16.37 -1.78 -12.51
CA THR A 90 -16.95 -0.48 -12.21
C THR A 90 -17.88 -0.52 -10.99
N ARG A 91 -18.84 -1.42 -10.97
CA ARG A 91 -19.84 -1.36 -9.91
C ARG A 91 -19.26 -1.81 -8.58
N PRO A 92 -18.44 -2.87 -8.54
CA PRO A 92 -17.73 -3.17 -7.29
C PRO A 92 -16.89 -2.00 -6.79
N ARG A 93 -16.21 -1.30 -7.69
CA ARG A 93 -15.44 -0.12 -7.31
C ARG A 93 -16.35 0.95 -6.72
N ALA A 94 -17.53 1.17 -7.32
CA ALA A 94 -18.45 2.18 -6.83
C ALA A 94 -18.91 1.86 -5.41
N VAL A 95 -19.18 0.58 -5.13
CA VAL A 95 -19.56 0.17 -3.78
C VAL A 95 -18.46 0.53 -2.80
N LEU A 96 -17.21 0.18 -3.11
CA LEU A 96 -16.15 0.49 -2.16
C LEU A 96 -15.92 1.98 -2.03
N SER A 97 -16.07 2.73 -3.12
N SER A 97 -16.08 2.73 -3.12
CA SER A 97 -15.94 4.19 -3.04
CA SER A 97 -15.93 4.18 -3.01
C SER A 97 -16.99 4.76 -2.10
C SER A 97 -17.00 4.79 -2.13
N LYS A 98 -18.21 4.22 -2.14
CA LYS A 98 -19.27 4.73 -1.27
C LYS A 98 -19.07 4.28 0.17
N VAL A 99 -18.64 3.03 0.37
CA VAL A 99 -18.38 2.54 1.73
C VAL A 99 -17.28 3.36 2.38
N LEU A 100 -16.26 3.73 1.62
CA LEU A 100 -15.10 4.44 2.13
C LEU A 100 -15.11 5.89 1.67
N SER A 101 -16.30 6.47 1.62
CA SER A 101 -16.55 7.77 1.02
C SER A 101 -16.18 8.90 1.96
N PRO A 102 -16.07 10.11 1.43
CA PRO A 102 -15.91 11.27 2.32
C PRO A 102 -16.94 11.31 3.42
N ALA A 103 -18.21 11.06 3.09
CA ALA A 103 -19.25 11.06 4.11
C ALA A 103 -18.95 10.03 5.20
N THR A 104 -18.43 8.87 4.83
CA THR A 104 -18.12 7.86 5.84
C THR A 104 -16.99 8.31 6.75
N MET A 105 -16.05 9.10 6.22
CA MET A 105 -14.93 9.53 7.06
C MET A 105 -15.42 10.38 8.23
N LYS A 106 -16.53 11.12 8.04
CA LYS A 106 -17.08 11.90 9.14
C LYS A 106 -17.44 11.01 10.32
N THR A 107 -17.89 9.78 10.04
CA THR A 107 -18.37 8.90 11.11
C THR A 107 -17.24 8.28 11.92
N ILE A 108 -16.01 8.25 11.40
CA ILE A 108 -14.91 7.58 12.09
C ILE A 108 -13.83 8.55 12.52
N ARG A 109 -13.86 9.80 12.09
CA ARG A 109 -12.71 10.69 12.32
C ARG A 109 -12.45 10.89 13.81
N ASP A 110 -13.49 11.17 14.59
CA ASP A 110 -13.25 11.51 15.99
C ASP A 110 -12.59 10.35 16.71
N GLY A 111 -13.07 9.13 16.47
CA GLY A 111 -12.49 7.96 17.11
C GLY A 111 -11.09 7.66 16.61
N PHE A 112 -10.86 7.83 15.32
CA PHE A 112 -9.52 7.59 14.78
C PHE A 112 -8.52 8.59 15.34
N ALA A 113 -8.91 9.86 15.43
CA ALA A 113 -8.04 10.87 15.99
C ALA A 113 -7.83 10.65 17.48
N ALA A 114 -8.90 10.34 18.20
CA ALA A 114 -8.78 10.09 19.64
C ALA A 114 -7.82 8.95 19.91
N ALA A 115 -7.91 7.88 19.12
CA ALA A 115 -7.02 6.73 19.33
C ALA A 115 -5.57 7.10 19.03
N ALA A 116 -5.35 7.95 18.02
CA ALA A 116 -3.98 8.38 17.69
C ALA A 116 -3.40 9.24 18.81
N ASP A 117 -4.17 10.21 19.30
CA ASP A 117 -3.73 11.04 20.42
C ASP A 117 -3.37 10.18 21.62
N ALA A 118 -4.25 9.23 21.96
CA ALA A 118 -4.02 8.40 23.14
C ALA A 118 -2.77 7.53 22.95
N LYS A 119 -2.58 6.96 21.77
CA LYS A 119 -1.42 6.11 21.52
C LYS A 119 -0.13 6.90 21.71
N VAL A 120 -0.06 8.11 21.17
CA VAL A 120 1.16 8.91 21.30
C VAL A 120 1.41 9.24 22.78
N ASP A 121 0.35 9.60 23.52
CA ASP A 121 0.54 9.88 24.93
C ASP A 121 1.00 8.63 25.67
N GLU A 122 0.43 7.48 25.31
CA GLU A 122 0.86 6.22 25.91
C GLU A 122 2.35 5.97 25.66
N LEU A 123 2.77 6.12 24.41
CA LEU A 123 4.17 5.88 24.06
C LEU A 123 5.10 6.88 24.72
N LEU A 124 4.63 8.11 24.94
CA LEU A 124 5.46 9.10 25.62
C LEU A 124 5.67 8.72 27.09
N GLN A 125 4.76 7.95 27.68
CA GLN A 125 4.99 7.47 29.03
C GLN A 125 6.04 6.37 29.07
N ARG A 126 6.18 5.61 27.98
CA ARG A 126 7.18 4.56 27.93
C ARG A 126 8.55 5.09 27.56
N GLY A 127 8.59 6.17 26.78
CA GLY A 127 9.86 6.78 26.41
C GLY A 127 10.52 6.12 25.22
N CYS A 128 10.98 4.88 25.39
CA CYS A 128 11.71 4.16 24.35
C CYS A 128 10.83 3.02 23.85
N ILE A 129 10.46 3.07 22.56
CA ILE A 129 9.48 2.16 22.01
C ILE A 129 9.94 1.70 20.63
N ASP A 130 9.26 0.69 20.11
CA ASP A 130 9.47 0.20 18.75
C ASP A 130 8.38 0.83 17.88
N ALA A 131 8.78 1.75 17.00
CA ALA A 131 7.80 2.47 16.22
C ALA A 131 7.04 1.59 15.24
N ILE A 132 7.45 0.34 15.03
CA ILE A 132 6.69 -0.55 14.18
C ILE A 132 5.66 -1.26 15.05
N ALA A 133 6.10 -2.19 15.89
CA ALA A 133 5.16 -2.96 16.70
C ALA A 133 4.27 -2.06 17.55
N ASP A 134 4.86 -1.06 18.21
CA ASP A 134 4.15 -0.24 19.18
C ASP A 134 3.41 0.95 18.58
N LEU A 135 3.55 1.21 17.28
CA LEU A 135 2.94 2.40 16.71
C LEU A 135 2.38 2.14 15.31
N ALA A 136 3.25 1.84 14.34
CA ALA A 136 2.81 1.60 12.99
C ALA A 136 1.85 0.41 12.90
N GLU A 137 2.06 -0.61 13.74
CA GLU A 137 1.13 -1.73 13.76
C GLU A 137 0.05 -1.54 14.82
N ALA A 138 0.43 -1.09 16.02
CA ALA A 138 -0.52 -1.00 17.11
C ALA A 138 -1.67 -0.06 16.78
N TYR A 139 -1.38 1.11 16.19
CA TYR A 139 -2.45 2.07 15.95
C TYR A 139 -3.44 1.56 14.92
N PRO A 140 -3.03 1.17 13.70
CA PRO A 140 -4.02 0.60 12.78
C PRO A 140 -4.78 -0.59 13.36
N LEU A 141 -4.10 -1.47 14.09
CA LEU A 141 -4.80 -2.58 14.71
C LEU A 141 -5.87 -2.09 15.70
N SER A 142 -5.68 -0.92 16.31
CA SER A 142 -6.61 -0.43 17.31
C SER A 142 -7.85 0.24 16.71
N VAL A 143 -7.85 0.61 15.42
CA VAL A 143 -8.96 1.32 14.83
C VAL A 143 -9.56 0.57 13.63
N PHE A 144 -8.73 -0.05 12.79
CA PHE A 144 -9.25 -0.51 11.49
C PHE A 144 -10.09 -1.79 11.62
N PRO A 145 -9.64 -2.80 12.36
CA PRO A 145 -10.53 -3.98 12.53
C PRO A 145 -11.88 -3.61 13.12
N ASP A 146 -11.92 -2.73 14.12
CA ASP A 146 -13.20 -2.28 14.65
C ASP A 146 -14.03 -1.58 13.59
N ALA A 147 -13.40 -0.70 12.79
CA ALA A 147 -14.12 0.02 11.75
C ALA A 147 -14.66 -0.91 10.68
N MET A 148 -13.97 -2.03 10.44
CA MET A 148 -14.48 -3.10 9.58
C MET A 148 -15.67 -3.81 10.19
N GLY A 149 -15.80 -3.76 11.52
CA GLY A 149 -16.81 -4.55 12.20
C GLY A 149 -16.41 -5.99 12.44
N LEU A 150 -15.12 -6.28 12.50
CA LEU A 150 -14.66 -7.64 12.76
C LEU A 150 -14.87 -8.00 14.23
N LYS A 151 -15.19 -9.28 14.46
CA LYS A 151 -15.18 -9.78 15.82
C LYS A 151 -13.75 -9.78 16.37
N GLN A 152 -13.65 -10.00 17.68
CA GLN A 152 -12.33 -9.99 18.33
C GLN A 152 -11.54 -11.25 17.98
N GLU A 153 -12.21 -12.40 17.98
CA GLU A 153 -11.51 -13.68 17.80
C GLU A 153 -10.91 -13.76 16.41
N GLY A 154 -9.62 -14.09 16.34
CA GLY A 154 -8.97 -14.41 15.10
C GLY A 154 -8.16 -13.28 14.49
N ARG A 155 -8.21 -12.07 15.08
CA ARG A 155 -7.53 -10.93 14.48
C ARG A 155 -6.02 -11.15 14.35
N GLU A 156 -5.45 -12.08 15.12
CA GLU A 156 -4.05 -12.42 14.96
C GLU A 156 -3.70 -12.86 13.55
N HIS A 157 -4.69 -13.27 12.75
CA HIS A 157 -4.44 -13.70 11.38
C HIS A 157 -4.38 -12.56 10.38
N LEU A 158 -4.74 -11.34 10.78
CA LEU A 158 -4.91 -10.26 9.80
C LEU A 158 -3.58 -9.87 9.17
N LEU A 159 -2.56 -9.63 9.97
CA LEU A 159 -1.31 -9.17 9.38
C LEU A 159 -0.61 -10.31 8.66
N PRO A 160 -0.58 -11.52 9.22
CA PRO A 160 -0.07 -12.66 8.45
C PRO A 160 -0.76 -12.84 7.10
N TYR A 161 -2.08 -12.66 7.04
CA TYR A 161 -2.78 -12.82 5.77
C TYR A 161 -2.36 -11.74 4.78
N ALA A 162 -2.26 -10.49 5.24
CA ALA A 162 -1.86 -9.42 4.34
C ALA A 162 -0.43 -9.63 3.86
N GLY A 163 0.47 -10.05 4.74
CA GLY A 163 1.82 -10.34 4.30
C GLY A 163 1.85 -11.37 3.20
N LEU A 164 1.01 -12.40 3.32
CA LEU A 164 0.85 -13.41 2.28
C LEU A 164 0.35 -12.80 0.99
N VAL A 165 -0.72 -12.00 1.07
CA VAL A 165 -1.29 -11.36 -0.11
C VAL A 165 -0.20 -10.60 -0.87
N PHE A 166 0.56 -9.78 -0.16
CA PHE A 166 1.51 -8.91 -0.82
C PHE A 166 2.73 -9.67 -1.32
N ASN A 167 3.17 -10.69 -0.59
CA ASN A 167 4.21 -11.58 -1.12
C ASN A 167 3.73 -12.33 -2.35
N ALA A 168 2.43 -12.63 -2.43
CA ALA A 168 1.93 -13.47 -3.52
C ALA A 168 1.88 -12.73 -4.84
N PHE A 169 1.86 -11.39 -4.84
CA PHE A 169 2.01 -10.66 -6.10
C PHE A 169 3.38 -10.85 -6.72
N GLY A 170 4.35 -11.29 -5.94
CA GLY A 170 5.70 -11.39 -6.43
C GLY A 170 5.92 -12.63 -7.26
N PRO A 171 7.15 -12.82 -7.67
CA PRO A 171 7.53 -14.02 -8.41
C PRO A 171 7.59 -15.22 -7.47
N PRO A 172 7.66 -16.44 -8.01
CA PRO A 172 7.70 -17.64 -7.16
C PRO A 172 9.08 -17.86 -6.53
N ASN A 173 9.50 -16.88 -5.73
CA ASN A 173 10.74 -16.98 -4.99
C ASN A 173 10.43 -17.57 -3.61
N GLU A 174 11.43 -17.59 -2.72
CA GLU A 174 11.23 -18.21 -1.42
C GLU A 174 10.20 -17.43 -0.61
N LEU A 175 10.23 -16.10 -0.68
CA LEU A 175 9.26 -15.29 0.04
C LEU A 175 7.83 -15.69 -0.32
N ARG A 176 7.57 -15.85 -1.62
CA ARG A 176 6.21 -16.17 -2.04
C ARG A 176 5.81 -17.58 -1.65
N GLN A 177 6.68 -18.55 -1.91
CA GLN A 177 6.28 -19.93 -1.69
C GLN A 177 6.19 -20.25 -0.20
N THR A 178 7.05 -19.66 0.63
CA THR A 178 6.88 -19.80 2.07
C THR A 178 5.56 -19.20 2.53
N ALA A 179 5.16 -18.09 1.92
CA ALA A 179 3.93 -17.42 2.30
C ALA A 179 2.70 -18.24 1.94
N ILE A 180 2.70 -18.87 0.76
CA ILE A 180 1.53 -19.61 0.31
C ILE A 180 1.44 -20.96 0.97
N GLU A 181 2.57 -21.59 1.27
CA GLU A 181 2.56 -22.91 1.90
C GLU A 181 1.96 -22.80 3.30
N ARG A 182 0.98 -23.66 3.58
CA ARG A 182 0.31 -23.69 4.88
C ARG A 182 -0.34 -22.33 5.20
N SER A 183 -0.76 -21.60 4.18
CA SER A 183 -1.53 -20.37 4.36
C SER A 183 -3.00 -20.64 4.65
N ALA A 184 -3.44 -21.90 4.56
CA ALA A 184 -4.87 -22.21 4.69
C ALA A 184 -5.50 -21.63 5.94
N PRO A 185 -4.90 -21.73 7.12
CA PRO A 185 -5.57 -21.16 8.31
C PRO A 185 -5.82 -19.67 8.19
N HIS A 186 -4.89 -18.92 7.59
CA HIS A 186 -5.11 -17.50 7.39
C HIS A 186 -6.27 -17.26 6.42
N GLN A 187 -6.26 -17.98 5.29
CA GLN A 187 -7.36 -17.86 4.34
C GLN A 187 -8.69 -18.23 4.99
N ALA A 188 -8.71 -19.31 5.78
CA ALA A 188 -9.96 -19.75 6.39
C ALA A 188 -10.53 -18.68 7.30
N TYR A 189 -9.67 -18.06 8.10
CA TYR A 189 -10.13 -17.01 9.00
C TYR A 189 -10.73 -15.83 8.23
N VAL A 190 -9.96 -15.29 7.28
CA VAL A 190 -10.44 -14.15 6.51
C VAL A 190 -11.74 -14.49 5.78
N ASN A 191 -11.76 -15.60 5.05
CA ASN A 191 -12.94 -15.93 4.26
C ASN A 191 -14.17 -16.05 5.14
N GLU A 192 -14.01 -16.59 6.35
CA GLU A 192 -15.14 -16.68 7.26
C GLU A 192 -15.63 -15.31 7.69
N GLN A 193 -14.70 -14.40 8.02
CA GLN A 193 -15.11 -13.07 8.47
C GLN A 193 -15.77 -12.26 7.36
N CYS A 194 -15.58 -12.64 6.10
CA CYS A 194 -16.23 -11.94 5.00
C CYS A 194 -17.71 -12.25 4.89
N GLN A 195 -18.20 -13.28 5.58
CA GLN A 195 -19.61 -13.64 5.53
C GLN A 195 -20.42 -12.68 6.38
N ARG A 196 -21.61 -12.32 5.89
CA ARG A 196 -22.42 -11.27 6.50
C ARG A 196 -22.68 -11.48 7.99
N PRO A 197 -22.96 -12.68 8.48
CA PRO A 197 -23.26 -12.83 9.91
C PRO A 197 -22.12 -12.43 10.83
N ASN A 198 -20.88 -12.41 10.34
CA ASN A 198 -19.72 -12.17 11.18
C ASN A 198 -19.28 -10.71 11.21
N LEU A 199 -20.03 -9.81 10.58
CA LEU A 199 -19.62 -8.42 10.45
C LEU A 199 -20.59 -7.51 11.19
N ALA A 200 -20.04 -6.68 12.07
CA ALA A 200 -20.87 -5.87 12.95
C ALA A 200 -21.67 -4.84 12.14
N PRO A 201 -22.99 -4.75 12.35
CA PRO A 201 -23.74 -3.69 11.68
C PRO A 201 -23.08 -2.32 11.91
N GLY A 202 -23.07 -1.52 10.86
CA GLY A 202 -22.46 -0.21 10.89
C GLY A 202 -21.02 -0.15 10.42
N GLY A 203 -20.31 -1.28 10.42
CA GLY A 203 -18.93 -1.29 9.98
C GLY A 203 -18.80 -1.42 8.47
N PHE A 204 -17.56 -1.28 7.99
CA PHE A 204 -17.33 -1.31 6.55
C PHE A 204 -17.84 -2.59 5.93
N GLY A 205 -17.63 -3.72 6.62
CA GLY A 205 -18.01 -5.01 6.06
C GLY A 205 -19.51 -5.14 5.90
N ALA A 206 -20.25 -4.78 6.95
CA ALA A 206 -21.71 -4.85 6.87
C ALA A 206 -22.24 -3.86 5.84
N CYS A 207 -21.60 -2.71 5.69
N CYS A 207 -21.60 -2.71 5.69
CA CYS A 207 -22.04 -1.75 4.70
CA CYS A 207 -22.06 -1.75 4.70
C CYS A 207 -21.88 -2.30 3.30
C CYS A 207 -21.88 -2.29 3.29
N ILE A 208 -20.78 -3.01 3.03
CA ILE A 208 -20.61 -3.67 1.74
C ILE A 208 -21.79 -4.59 1.47
N HIS A 209 -22.11 -5.45 2.44
CA HIS A 209 -23.23 -6.36 2.25
C HIS A 209 -24.54 -5.61 2.03
N ALA A 210 -24.70 -4.45 2.67
CA ALA A 210 -25.93 -3.68 2.49
C ALA A 210 -26.10 -3.22 1.05
N PHE A 211 -25.00 -3.01 0.33
CA PHE A 211 -25.12 -2.59 -1.05
C PHE A 211 -25.59 -3.70 -1.98
N THR A 212 -25.67 -4.95 -1.51
CA THR A 212 -26.23 -5.98 -2.36
C THR A 212 -27.69 -5.71 -2.67
N ASP A 213 -28.38 -4.94 -1.80
CA ASP A 213 -29.76 -4.57 -2.03
C ASP A 213 -29.93 -3.67 -3.25
N THR A 214 -28.89 -2.93 -3.64
CA THR A 214 -29.01 -1.88 -4.65
C THR A 214 -28.89 -2.39 -6.08
N GLY A 215 -28.41 -3.60 -6.28
CA GLY A 215 -28.08 -4.06 -7.61
C GLY A 215 -26.68 -3.71 -8.06
N GLU A 216 -25.87 -3.08 -7.22
CA GLU A 216 -24.50 -2.81 -7.65
C GLU A 216 -23.62 -4.04 -7.52
N ILE A 217 -23.85 -4.87 -6.50
CA ILE A 217 -23.15 -6.14 -6.33
C ILE A 217 -24.16 -7.19 -5.89
N THR A 218 -23.94 -8.43 -6.29
CA THR A 218 -24.77 -9.52 -5.80
C THR A 218 -24.33 -9.94 -4.42
N PRO A 219 -25.20 -10.63 -3.68
CA PRO A 219 -24.78 -11.15 -2.36
C PRO A 219 -23.50 -11.98 -2.41
N ASP A 220 -23.28 -12.76 -3.48
CA ASP A 220 -22.09 -13.58 -3.56
C ASP A 220 -20.83 -12.78 -3.91
N GLU A 221 -20.97 -11.54 -4.35
CA GLU A 221 -19.84 -10.67 -4.58
C GLU A 221 -19.39 -9.95 -3.32
N ALA A 222 -20.30 -9.74 -2.37
CA ALA A 222 -19.97 -8.95 -1.19
C ALA A 222 -18.83 -9.56 -0.37
N PRO A 223 -18.78 -10.88 -0.12
CA PRO A 223 -17.65 -11.40 0.67
C PRO A 223 -16.30 -11.11 0.05
N LEU A 224 -16.18 -11.21 -1.27
CA LEU A 224 -14.91 -10.93 -1.91
C LEU A 224 -14.53 -9.46 -1.82
N LEU A 225 -15.52 -8.56 -1.77
CA LEU A 225 -15.18 -7.15 -1.57
C LEU A 225 -14.76 -6.87 -0.13
N VAL A 226 -15.42 -7.50 0.84
CA VAL A 226 -14.90 -7.44 2.21
C VAL A 226 -13.47 -7.95 2.24
N ARG A 227 -13.19 -9.02 1.50
CA ARG A 227 -11.85 -9.59 1.49
C ARG A 227 -10.84 -8.58 0.98
N SER A 228 -11.21 -7.80 -0.04
CA SER A 228 -10.30 -6.77 -0.52
C SER A 228 -9.87 -5.82 0.59
N LEU A 229 -10.83 -5.38 1.42
CA LEU A 229 -10.47 -4.46 2.50
C LEU A 229 -9.62 -5.16 3.56
N LEU A 230 -9.85 -6.45 3.79
CA LEU A 230 -9.03 -7.18 4.74
C LEU A 230 -7.69 -7.58 4.16
N SER A 231 -7.51 -7.45 2.85
CA SER A 231 -6.22 -7.71 2.23
C SER A 231 -5.35 -6.45 2.21
N ALA A 232 -5.94 -5.33 1.81
CA ALA A 232 -5.21 -4.08 1.60
C ALA A 232 -5.28 -3.13 2.77
N GLY A 233 -6.30 -3.25 3.63
CA GLY A 233 -6.70 -2.15 4.50
C GLY A 233 -5.85 -1.93 5.73
N LEU A 234 -5.00 -2.89 6.09
CA LEU A 234 -4.17 -2.78 7.28
C LEU A 234 -2.69 -2.65 6.95
N ASP A 235 -2.12 -3.57 6.15
CA ASP A 235 -0.67 -3.67 6.02
C ASP A 235 -0.09 -2.49 5.27
N ALA A 236 -0.78 -1.99 4.25
CA ALA A 236 -0.27 -0.82 3.54
C ALA A 236 -0.20 0.38 4.48
N THR A 237 -1.22 0.58 5.31
CA THR A 237 -1.18 1.71 6.25
C THR A 237 -0.13 1.49 7.32
N VAL A 238 0.11 0.25 7.77
CA VAL A 238 1.20 0.00 8.71
C VAL A 238 2.50 0.52 8.14
N ASN A 239 2.80 0.17 6.89
CA ASN A 239 4.06 0.60 6.30
C ASN A 239 4.05 2.07 5.92
N GLY A 240 2.88 2.64 5.63
CA GLY A 240 2.80 4.07 5.39
C GLY A 240 3.13 4.86 6.64
N ILE A 241 2.53 4.49 7.77
CA ILE A 241 2.78 5.19 9.02
C ILE A 241 4.22 4.95 9.50
N GLY A 242 4.69 3.71 9.42
CA GLY A 242 6.07 3.44 9.77
C GLY A 242 7.03 4.25 8.91
N ALA A 243 6.71 4.40 7.62
CA ALA A 243 7.51 5.23 6.72
C ALA A 243 7.55 6.66 7.22
N ALA A 244 6.38 7.21 7.58
CA ALA A 244 6.31 8.59 8.03
C ALA A 244 7.15 8.80 9.29
N VAL A 245 7.05 7.90 10.26
CA VAL A 245 7.86 8.01 11.47
C VAL A 245 9.34 7.91 11.13
N TYR A 246 9.69 6.95 10.27
CA TYR A 246 11.09 6.82 9.86
C TYR A 246 11.59 8.11 9.24
N CYS A 247 10.80 8.73 8.37
CA CYS A 247 11.19 10.01 7.77
C CYS A 247 11.40 11.08 8.83
N LEU A 248 10.43 11.21 9.74
CA LEU A 248 10.56 12.25 10.77
C LEU A 248 11.73 11.97 11.69
N ALA A 249 12.09 10.70 11.90
CA ALA A 249 13.24 10.38 12.73
C ALA A 249 14.54 10.73 12.04
N ARG A 250 14.57 10.64 10.71
CA ARG A 250 15.78 10.91 9.95
C ARG A 250 15.91 12.36 9.52
N PHE A 251 14.82 13.11 9.47
CA PHE A 251 14.82 14.50 9.02
C PHE A 251 14.29 15.37 10.15
N PRO A 252 15.09 15.61 11.18
CA PRO A 252 14.59 16.38 12.33
C PRO A 252 14.12 17.77 11.96
N GLY A 253 14.73 18.39 10.96
CA GLY A 253 14.25 19.69 10.50
C GLY A 253 12.80 19.65 10.06
N GLU A 254 12.39 18.55 9.43
CA GLU A 254 11.02 18.42 8.99
C GLU A 254 10.07 18.11 10.15
N LEU A 255 10.53 17.38 11.15
CA LEU A 255 9.71 17.21 12.34
C LEU A 255 9.46 18.56 13.00
N GLN A 256 10.47 19.43 13.00
N GLN A 256 10.47 19.43 13.00
CA GLN A 256 10.31 20.73 13.63
CA GLN A 256 10.31 20.73 13.63
C GLN A 256 9.35 21.60 12.83
C GLN A 256 9.37 21.63 12.83
N ARG A 257 9.38 21.51 11.51
CA ARG A 257 8.41 22.25 10.71
C ARG A 257 7.00 21.72 10.98
N LEU A 258 6.86 20.40 11.11
CA LEU A 258 5.55 19.83 11.40
C LEU A 258 5.05 20.28 12.77
N ARG A 259 5.92 20.30 13.77
CA ARG A 259 5.53 20.83 15.08
C ARG A 259 5.06 22.27 14.97
N SER A 260 5.73 23.05 14.13
CA SER A 260 5.41 24.48 14.00
C SER A 260 4.02 24.69 13.41
N ASP A 261 3.58 23.76 12.57
CA ASP A 261 2.29 23.89 11.89
C ASP A 261 1.70 22.50 11.74
N PRO A 262 0.99 22.00 12.75
CA PRO A 262 0.42 20.65 12.66
C PRO A 262 -0.57 20.48 11.52
N THR A 263 -1.04 21.56 10.89
CA THR A 263 -1.92 21.40 9.73
C THR A 263 -1.16 20.86 8.53
N LEU A 264 0.16 20.76 8.59
CA LEU A 264 0.95 20.08 7.59
C LEU A 264 0.93 18.57 7.75
N ALA A 265 0.22 18.04 8.74
CA ALA A 265 0.27 16.59 9.00
C ALA A 265 -0.16 15.79 7.78
N ARG A 266 -1.26 16.19 7.14
CA ARG A 266 -1.78 15.42 6.02
C ARG A 266 -0.77 15.35 4.89
N ASN A 267 -0.17 16.49 4.53
CA ASN A 267 0.82 16.48 3.46
C ASN A 267 2.12 15.82 3.90
N ALA A 268 2.47 15.94 5.18
CA ALA A 268 3.64 15.22 5.68
C ALA A 268 3.48 13.72 5.48
N PHE A 269 2.25 13.23 5.62
CA PHE A 269 2.00 11.81 5.38
C PHE A 269 2.04 11.50 3.89
N GLU A 270 1.44 12.36 3.07
CA GLU A 270 1.44 12.13 1.64
C GLU A 270 2.87 12.07 1.12
N GLU A 271 3.73 12.96 1.62
CA GLU A 271 5.13 12.96 1.21
C GLU A 271 5.82 11.69 1.65
N ALA A 272 5.45 11.15 2.81
CA ALA A 272 6.03 9.89 3.23
C ALA A 272 5.64 8.78 2.27
N VAL A 273 4.39 8.78 1.80
CA VAL A 273 3.96 7.78 0.84
C VAL A 273 4.79 7.89 -0.45
N ARG A 274 5.02 9.11 -0.92
CA ARG A 274 5.89 9.29 -2.08
C ARG A 274 7.31 8.84 -1.77
N PHE A 275 7.85 9.30 -0.64
CA PHE A 275 9.27 9.13 -0.35
C PHE A 275 9.62 7.66 -0.19
N GLU A 276 8.84 6.91 0.59
CA GLU A 276 9.12 5.50 0.80
C GLU A 276 8.35 4.60 -0.16
N SER A 277 7.15 5.00 -0.58
CA SER A 277 6.32 4.21 -1.47
C SER A 277 6.14 2.82 -0.90
N PRO A 278 5.38 2.71 0.20
CA PRO A 278 5.19 1.41 0.86
C PRO A 278 4.71 0.32 -0.08
N VAL A 279 3.90 0.65 -1.08
CA VAL A 279 3.55 -0.30 -2.13
C VAL A 279 4.48 -0.01 -3.28
N GLN A 280 5.47 -0.89 -3.48
CA GLN A 280 6.60 -0.59 -4.34
C GLN A 280 6.29 -0.82 -5.82
N THR A 281 5.50 -1.85 -6.10
CA THR A 281 5.37 -2.39 -7.44
C THR A 281 3.99 -3.00 -7.66
N PHE A 282 3.54 -2.93 -8.91
CA PHE A 282 2.45 -3.77 -9.39
C PHE A 282 2.72 -4.11 -10.85
N PHE A 283 2.13 -5.21 -11.30
CA PHE A 283 2.20 -5.65 -12.69
C PHE A 283 0.93 -5.29 -13.44
N ARG A 284 1.07 -5.21 -14.76
CA ARG A 284 -0.03 -5.26 -15.71
C ARG A 284 0.32 -6.30 -16.76
N THR A 285 -0.69 -6.71 -17.54
CA THR A 285 -0.50 -7.65 -18.63
C THR A 285 -1.04 -7.02 -19.91
N THR A 286 -0.23 -7.04 -20.96
CA THR A 286 -0.66 -6.42 -22.21
C THR A 286 -1.75 -7.28 -22.86
N THR A 287 -2.80 -6.62 -23.32
CA THR A 287 -3.89 -7.28 -24.03
C THR A 287 -3.67 -7.29 -25.53
N ARG A 288 -2.63 -6.61 -26.01
CA ARG A 288 -2.35 -6.45 -27.42
C ARG A 288 -0.91 -6.01 -27.57
N GLU A 289 -0.40 -6.13 -28.78
CA GLU A 289 0.91 -5.56 -29.07
C GLU A 289 0.82 -4.05 -28.91
N VAL A 290 1.85 -3.45 -28.31
CA VAL A 290 1.83 -2.04 -27.95
C VAL A 290 3.25 -1.50 -27.96
N GLU A 291 3.38 -0.23 -28.33
CA GLU A 291 4.63 0.50 -28.24
C GLU A 291 4.57 1.45 -27.05
N LEU A 292 5.65 1.50 -26.27
CA LEU A 292 5.69 2.27 -25.04
C LEU A 292 7.04 2.98 -24.95
N GLY A 293 6.99 4.30 -24.84
CA GLY A 293 8.23 5.09 -24.76
C GLY A 293 9.21 4.79 -25.87
N GLY A 294 8.71 4.54 -27.08
CA GLY A 294 9.55 4.19 -28.20
C GLY A 294 9.83 2.71 -28.36
N ALA A 295 9.52 1.88 -27.37
CA ALA A 295 9.79 0.46 -27.40
C ALA A 295 8.50 -0.34 -27.60
N VAL A 296 8.63 -1.52 -28.18
CA VAL A 296 7.50 -2.34 -28.61
C VAL A 296 7.38 -3.55 -27.69
N ILE A 297 6.13 -3.94 -27.40
CA ILE A 297 5.84 -5.05 -26.49
C ILE A 297 4.73 -5.90 -27.10
N GLY A 298 4.87 -7.22 -26.99
CA GLY A 298 3.89 -8.12 -27.54
C GLY A 298 2.71 -8.34 -26.61
N GLU A 299 1.70 -9.04 -27.15
CA GLU A 299 0.50 -9.37 -26.40
C GLU A 299 0.80 -10.39 -25.32
N GLY A 300 0.03 -10.33 -24.23
CA GLY A 300 0.15 -11.30 -23.16
C GLY A 300 1.46 -11.22 -22.41
N GLU A 301 2.08 -10.04 -22.36
CA GLU A 301 3.34 -9.85 -21.65
C GLU A 301 3.10 -9.13 -20.33
N LYS A 302 3.87 -9.52 -19.31
CA LYS A 302 3.80 -8.88 -18.01
C LYS A 302 4.69 -7.65 -17.98
N VAL A 303 4.16 -6.56 -17.43
CA VAL A 303 4.86 -5.29 -17.35
C VAL A 303 4.91 -4.89 -15.89
N LEU A 304 6.13 -4.77 -15.35
CA LEU A 304 6.32 -4.42 -13.95
C LEU A 304 6.50 -2.91 -13.82
N MET A 305 5.63 -2.29 -13.03
CA MET A 305 5.69 -0.85 -12.78
C MET A 305 6.38 -0.62 -11.45
N PHE A 306 7.44 0.19 -11.46
CA PHE A 306 8.17 0.54 -10.24
C PHE A 306 7.62 1.86 -9.72
N LEU A 307 6.59 1.76 -8.87
CA LEU A 307 5.96 2.96 -8.33
C LEU A 307 6.93 3.77 -7.48
N GLY A 308 7.72 3.10 -6.65
CA GLY A 308 8.66 3.82 -5.80
C GLY A 308 9.70 4.56 -6.60
N SER A 309 10.20 3.93 -7.67
CA SER A 309 11.15 4.59 -8.57
C SER A 309 10.50 5.79 -9.26
N ALA A 310 9.27 5.62 -9.74
CA ALA A 310 8.57 6.73 -10.37
C ALA A 310 8.45 7.91 -9.43
N ASN A 311 8.27 7.64 -8.13
CA ASN A 311 8.11 8.68 -7.14
C ASN A 311 9.44 9.33 -6.73
N ARG A 312 10.56 8.80 -7.23
CA ARG A 312 11.87 9.40 -7.00
C ARG A 312 12.56 9.78 -8.30
N ASP A 313 11.82 9.78 -9.41
CA ASP A 313 12.41 10.05 -10.71
C ASP A 313 12.83 11.52 -10.82
N PRO A 314 14.12 11.84 -10.94
CA PRO A 314 14.52 13.25 -11.01
C PRO A 314 14.01 13.96 -12.25
N ARG A 315 13.56 13.23 -13.26
CA ARG A 315 12.92 13.85 -14.41
C ARG A 315 11.61 14.54 -14.04
N ARG A 316 10.99 14.12 -12.93
CA ARG A 316 9.70 14.64 -12.47
C ARG A 316 9.81 15.44 -11.18
N TRP A 317 10.65 15.01 -10.25
CA TRP A 317 10.72 15.60 -8.92
C TRP A 317 12.04 16.32 -8.73
N SER A 318 11.98 17.52 -8.14
CA SER A 318 13.20 18.16 -7.68
C SER A 318 13.56 17.63 -6.30
N ASP A 319 14.86 17.40 -6.08
CA ASP A 319 15.37 16.80 -4.86
C ASP A 319 14.53 15.57 -4.48
N PRO A 320 14.40 14.60 -5.37
CA PRO A 320 13.50 13.46 -5.10
C PRO A 320 13.88 12.68 -3.87
N ASP A 321 15.15 12.70 -3.48
CA ASP A 321 15.61 11.94 -2.33
C ASP A 321 15.53 12.71 -1.04
N LEU A 322 14.86 13.86 -1.04
CA LEU A 322 14.66 14.63 0.18
C LEU A 322 13.20 14.54 0.61
N TYR A 323 13.01 14.36 1.91
CA TYR A 323 11.69 14.39 2.53
C TYR A 323 11.32 15.84 2.82
N ASP A 324 10.27 16.34 2.18
CA ASP A 324 9.87 17.75 2.24
C ASP A 324 8.36 17.81 2.50
N ILE A 325 7.97 18.17 3.72
CA ILE A 325 6.56 18.07 4.08
C ILE A 325 5.70 19.16 3.45
N THR A 326 6.31 20.17 2.80
CA THR A 326 5.53 21.12 2.02
C THR A 326 5.67 20.91 0.52
N ARG A 327 6.25 19.79 0.10
CA ARG A 327 6.32 19.46 -1.32
C ARG A 327 4.92 19.40 -1.91
N LYS A 328 4.77 19.88 -3.13
CA LYS A 328 3.55 19.64 -3.89
C LYS A 328 3.60 18.18 -4.34
N THR A 329 2.88 17.32 -3.62
CA THR A 329 2.93 15.88 -3.84
C THR A 329 1.97 15.39 -4.90
N SER A 330 1.01 16.21 -5.33
CA SER A 330 0.01 15.74 -6.29
C SER A 330 0.69 15.19 -7.52
N GLY A 331 0.24 14.02 -7.98
CA GLY A 331 0.82 13.34 -9.10
C GLY A 331 1.65 12.13 -8.73
N HIS A 332 2.03 11.99 -7.47
CA HIS A 332 2.76 10.80 -7.08
C HIS A 332 1.88 9.58 -7.29
N VAL A 333 2.52 8.43 -7.50
CA VAL A 333 1.81 7.20 -7.83
C VAL A 333 1.87 6.18 -6.68
N GLY A 334 2.17 6.64 -5.47
CA GLY A 334 2.18 5.74 -4.33
C GLY A 334 0.82 5.13 -4.01
N PHE A 335 -0.26 5.80 -4.41
CA PHE A 335 -1.61 5.25 -4.34
C PHE A 335 -2.10 4.76 -5.70
N GLY A 336 -1.23 4.67 -6.69
CA GLY A 336 -1.67 4.35 -8.03
C GLY A 336 -2.13 5.59 -8.76
N SER A 337 -2.86 5.35 -9.84
CA SER A 337 -3.35 6.42 -10.70
C SER A 337 -4.33 5.83 -11.69
N GLY A 338 -5.42 6.54 -11.94
CA GLY A 338 -6.39 6.09 -12.91
C GLY A 338 -7.52 5.28 -12.30
N VAL A 339 -8.08 4.34 -13.07
CA VAL A 339 -9.32 3.71 -12.64
C VAL A 339 -9.13 2.88 -11.37
N HIS A 340 -7.90 2.42 -11.08
CA HIS A 340 -7.67 1.59 -9.91
C HIS A 340 -7.04 2.36 -8.76
N MET A 341 -6.91 3.68 -8.87
CA MET A 341 -6.25 4.43 -7.82
C MET A 341 -6.89 4.13 -6.47
N CYS A 342 -6.03 3.95 -5.47
CA CYS A 342 -6.43 3.44 -4.16
C CYS A 342 -7.82 3.89 -3.74
N VAL A 343 -8.77 2.95 -3.69
CA VAL A 343 -10.11 3.30 -3.24
C VAL A 343 -10.14 3.53 -1.74
N GLY A 344 -9.13 3.08 -1.01
CA GLY A 344 -9.09 3.29 0.43
C GLY A 344 -8.24 4.48 0.83
N GLN A 345 -7.94 5.37 -0.11
CA GLN A 345 -6.97 6.41 0.17
C GLN A 345 -7.47 7.38 1.24
N LEU A 346 -8.78 7.54 1.42
CA LEU A 346 -9.27 8.43 2.46
C LEU A 346 -9.07 7.83 3.85
N VAL A 347 -9.23 6.51 3.98
CA VAL A 347 -8.92 5.85 5.25
C VAL A 347 -7.44 5.96 5.55
N ALA A 348 -6.60 5.67 4.55
CA ALA A 348 -5.15 5.73 4.74
C ALA A 348 -4.71 7.12 5.16
N ARG A 349 -5.15 8.14 4.42
CA ARG A 349 -4.78 9.51 4.76
C ARG A 349 -5.34 9.92 6.12
N LEU A 350 -6.53 9.45 6.46
CA LEU A 350 -7.09 9.79 7.77
C LEU A 350 -6.20 9.25 8.88
N GLU A 351 -5.85 7.96 8.82
CA GLU A 351 -4.97 7.38 9.83
C GLU A 351 -3.63 8.10 9.85
N GLY A 352 -3.04 8.33 8.68
CA GLY A 352 -1.75 8.99 8.62
C GLY A 352 -1.81 10.40 9.18
N GLU A 353 -2.81 11.18 8.76
CA GLU A 353 -2.93 12.56 9.23
C GLU A 353 -3.03 12.62 10.75
N VAL A 354 -3.92 11.83 11.34
CA VAL A 354 -4.20 12.05 12.76
C VAL A 354 -3.06 11.52 13.60
N MET A 355 -2.32 10.52 13.11
CA MET A 355 -1.13 10.11 13.84
C MET A 355 -0.04 11.16 13.76
N LEU A 356 0.18 11.75 12.58
CA LEU A 356 1.21 12.78 12.47
C LEU A 356 0.79 14.06 13.17
N SER A 357 -0.51 14.35 13.21
CA SER A 357 -1.00 15.45 14.02
C SER A 357 -0.68 15.23 15.50
N ALA A 358 -0.95 14.03 16.01
CA ALA A 358 -0.64 13.72 17.40
C ALA A 358 0.85 13.90 17.69
N LEU A 359 1.71 13.36 16.83
CA LEU A 359 3.14 13.56 17.00
C LEU A 359 3.48 15.05 16.96
N ALA A 360 2.92 15.77 15.98
CA ALA A 360 3.24 17.18 15.83
C ALA A 360 2.97 17.96 17.12
N ARG A 361 1.88 17.64 17.80
CA ARG A 361 1.45 18.42 18.95
C ARG A 361 2.08 17.94 20.26
N LYS A 362 2.53 16.69 20.32
CA LYS A 362 2.94 16.08 21.58
C LYS A 362 4.42 15.74 21.68
N VAL A 363 5.14 15.62 20.56
CA VAL A 363 6.51 15.13 20.56
C VAL A 363 7.45 16.24 20.12
N ALA A 364 8.59 16.36 20.82
CA ALA A 364 9.63 17.32 20.47
C ALA A 364 10.76 16.72 19.66
N ALA A 365 11.02 15.43 19.82
CA ALA A 365 12.11 14.79 19.11
C ALA A 365 11.83 13.32 18.97
N ILE A 366 12.35 12.74 17.89
CA ILE A 366 12.30 11.30 17.64
C ILE A 366 13.72 10.88 17.27
N ASP A 367 14.35 10.11 18.15
CA ASP A 367 15.74 9.68 17.98
C ASP A 367 15.79 8.18 17.86
N ILE A 368 16.33 7.69 16.74
CA ILE A 368 16.55 6.26 16.59
C ILE A 368 17.47 5.80 17.70
N ASP A 369 17.06 4.74 18.40
CA ASP A 369 17.59 4.39 19.71
C ASP A 369 18.08 2.96 19.80
N GLY A 370 18.08 2.22 18.70
CA GLY A 370 18.44 0.82 18.70
C GLY A 370 18.54 0.31 17.28
N PRO A 371 18.82 -0.98 17.10
CA PRO A 371 19.03 -1.51 15.75
C PRO A 371 17.77 -1.43 14.91
N VAL A 372 17.91 -0.87 13.71
CA VAL A 372 16.81 -0.83 12.74
C VAL A 372 16.85 -2.11 11.91
N LYS A 373 15.69 -2.73 11.74
CA LYS A 373 15.58 -3.99 11.01
C LYS A 373 14.54 -3.82 9.91
N ARG A 374 14.89 -4.24 8.70
CA ARG A 374 13.99 -4.12 7.57
C ARG A 374 13.12 -5.37 7.46
N ARG A 375 11.88 -5.17 7.05
CA ARG A 375 10.93 -6.26 6.80
C ARG A 375 10.88 -6.48 5.29
N PHE A 376 11.13 -7.72 4.86
CA PHE A 376 11.23 -8.03 3.45
C PHE A 376 9.90 -8.58 2.94
N ASN A 377 9.44 -8.05 1.81
CA ASN A 377 8.18 -8.44 1.22
C ASN A 377 8.27 -8.15 -0.26
N ASN A 378 7.71 -9.05 -1.08
CA ASN A 378 7.84 -8.91 -2.52
C ASN A 378 7.20 -7.62 -3.04
N THR A 379 6.27 -7.02 -2.30
CA THR A 379 5.55 -5.85 -2.79
C THR A 379 5.65 -4.66 -1.83
N LEU A 380 5.73 -4.92 -0.53
CA LEU A 380 5.72 -3.88 0.48
C LEU A 380 7.14 -3.51 0.89
N ARG A 381 7.39 -2.22 1.01
CA ARG A 381 8.64 -1.70 1.59
C ARG A 381 8.33 -1.17 2.98
N GLY A 382 9.13 -1.58 3.96
CA GLY A 382 8.93 -1.09 5.31
C GLY A 382 9.86 -1.81 6.27
N LEU A 383 9.75 -1.40 7.53
CA LEU A 383 10.66 -1.86 8.56
C LEU A 383 10.00 -2.90 9.44
N GLU A 384 10.82 -3.81 9.96
CA GLU A 384 10.42 -4.80 10.95
C GLU A 384 10.49 -4.24 12.37
N SER A 385 11.50 -3.42 12.64
CA SER A 385 11.72 -2.87 13.97
C SER A 385 12.35 -1.49 13.82
N LEU A 386 11.81 -0.51 14.54
CA LEU A 386 12.32 0.86 14.51
C LEU A 386 12.38 1.39 15.93
N PRO A 387 13.43 1.05 16.68
CA PRO A 387 13.51 1.51 18.08
C PRO A 387 13.81 3.00 18.12
N VAL A 388 12.95 3.75 18.80
CA VAL A 388 13.12 5.20 18.91
C VAL A 388 12.86 5.63 20.35
N LYS A 389 13.48 6.74 20.71
CA LYS A 389 13.16 7.45 21.94
C LYS A 389 12.33 8.68 21.57
N LEU A 390 11.16 8.80 22.19
CA LEU A 390 10.29 9.96 21.99
C LEU A 390 10.51 10.94 23.13
N THR A 391 10.79 12.19 22.79
CA THR A 391 10.89 13.26 23.77
C THR A 391 9.60 14.07 23.78
N PRO A 392 8.96 14.25 24.93
CA PRO A 392 7.71 15.03 24.94
C PRO A 392 7.95 16.50 24.66
N ALA A 393 6.97 17.11 24.00
CA ALA A 393 6.99 18.55 23.77
C ALA A 393 6.81 19.27 25.10
CL CL B . -8.48 -15.78 1.12
CHA HEM C . -5.50 0.05 -4.68
CHB HEM C . -1.59 1.64 -2.28
CHC HEM C . -4.23 1.82 1.76
CHD HEM C . -7.75 -0.70 -0.39
C1A HEM C . -4.23 0.52 -4.42
C2A HEM C . -3.15 0.75 -5.38
C3A HEM C . -2.09 1.20 -4.71
C4A HEM C . -2.42 1.24 -3.30
CMA HEM C . -0.72 1.58 -5.31
CAA HEM C . -3.22 0.60 -6.92
CBA HEM C . -3.42 -0.84 -7.39
CGA HEM C . -3.25 -0.96 -8.89
O1A HEM C . -3.20 -2.11 -9.37
O2A HEM C . -3.16 0.08 -9.61
C1B HEM C . -1.97 1.90 -0.99
C2B HEM C . -1.17 2.55 0.02
C3B HEM C . -1.89 2.59 1.15
C4B HEM C . -3.18 1.98 0.87
CMB HEM C . 0.26 3.05 -0.26
CAB HEM C . -1.56 3.19 2.54
CBB HEM C . -0.59 4.08 2.80
C1C HEM C . -5.43 1.18 1.55
C2C HEM C . -6.52 1.06 2.50
C3C HEM C . -7.51 0.34 1.91
C4C HEM C . -7.06 0.02 0.56
CMC HEM C . -6.44 1.67 3.92
CAC HEM C . -8.91 -0.09 2.42
CBC HEM C . -9.46 0.30 3.57
C1D HEM C . -7.44 -0.73 -1.75
C2D HEM C . -8.22 -1.37 -2.79
C3D HEM C . -7.61 -1.17 -3.96
C4D HEM C . -6.41 -0.39 -3.72
CMD HEM C . -9.53 -2.14 -2.52
CAD HEM C . -8.07 -1.66 -5.35
CBD HEM C . -8.77 -0.48 -6.03
CGD HEM C . -9.13 -0.80 -7.45
O1D HEM C . -9.97 -0.07 -8.02
O2D HEM C . -8.60 -1.81 -8.02
NA HEM C . -3.72 0.83 -3.17
NB HEM C . -3.18 1.55 -0.44
NC HEM C . -5.80 0.54 0.38
ND HEM C . -6.35 -0.14 -2.35
FE HEM C . -4.87 0.96 -1.43
O2 EGM D . -8.57 -6.43 -3.77
C7 EGM D . -7.57 -6.75 -3.05
O1 EGM D . -7.57 -7.87 -2.47
C5 EGM D . -6.37 -5.82 -2.91
C6 EGM D . -6.46 -4.50 -3.34
C1 EGM D . -5.37 -3.65 -3.23
C2 EGM D . -4.19 -4.10 -2.66
C8 EGM D . -3.00 -3.13 -2.54
C9 EGM D . -3.13 -2.15 -1.40
C3 EGM D . -4.10 -5.41 -2.23
C4 EGM D . -5.18 -6.27 -2.35
#